data_2BON
#
_entry.id   2BON
#
_cell.length_a   42.326
_cell.length_b   166.164
_cell.length_c   48.474
_cell.angle_alpha   90.00
_cell.angle_beta   97.03
_cell.angle_gamma   90.00
#
_symmetry.space_group_name_H-M   'P 1 21 1'
#
loop_
_entity.id
_entity.type
_entity.pdbx_description
1 polymer 'LIPID KINASE'
2 non-polymer 'MAGNESIUM ION'
3 water water
#
_entity_poly.entity_id   1
_entity_poly.type   'polypeptide(L)'
_entity_poly.pdbx_seq_one_letter_code
;MHHHHHHGSTSLYKKAGSETLYIQGMAEFPASLLILNGKSTDNLPLREAIMLLREEGMTIHVRVTWEKGDAARYVEEARK
FGVATVIAGGGDGTINEVSTALIQCEGDDIPALGILPLGTANDFATSVGIPEALDKALKLAIAGDAIAIDMAQVNKQTCF
INMATGGFGTRITTETPEKLKAALGSVSYIIHGLMRMDTLQPDRCEIRGENFHWQGDALVIGIGNGRQAGGGQQLCPNAL
INDGLLQLRIFTGDEILPALVSTLKSDEDNPNIIEGASSWFDIQAPHDITFNLDGEPLSGQNFHIEILPAALRCRLPPDC
PLLRSTHHHHHH
;
_entity_poly.pdbx_strand_id   A,B
#
# COMPACT_ATOMS: atom_id res chain seq x y z
N PRO A 30 1.20 31.55 -10.12
CA PRO A 30 1.04 31.68 -11.58
C PRO A 30 -0.41 31.84 -12.08
N ALA A 31 -0.54 32.43 -13.27
CA ALA A 31 -1.85 32.68 -13.86
C ALA A 31 -2.66 31.41 -14.12
N SER A 32 -3.97 31.56 -14.08
CA SER A 32 -4.85 30.46 -14.29
C SER A 32 -6.05 30.88 -15.11
N LEU A 33 -6.72 29.90 -15.69
CA LEU A 33 -7.97 30.15 -16.39
C LEU A 33 -8.96 29.22 -15.79
N LEU A 34 -10.01 29.82 -15.25
CA LEU A 34 -11.10 29.12 -14.61
C LEU A 34 -12.24 28.86 -15.60
N ILE A 35 -12.42 27.60 -15.95
CA ILE A 35 -13.51 27.21 -16.79
C ILE A 35 -14.72 26.87 -15.93
N LEU A 36 -15.70 27.77 -16.00
CA LEU A 36 -16.89 27.75 -15.18
C LEU A 36 -18.05 27.22 -15.97
N ASN A 37 -19.02 26.70 -15.24
CA ASN A 37 -20.16 26.08 -15.87
C ASN A 37 -21.28 27.09 -16.09
N GLY A 38 -22.37 26.66 -16.70
CA GLY A 38 -23.60 27.47 -16.73
C GLY A 38 -24.13 27.71 -15.33
N LYS A 39 -23.84 26.77 -14.42
CA LYS A 39 -24.32 26.83 -13.04
C LYS A 39 -23.20 27.20 -12.08
N SER A 40 -22.80 28.47 -12.11
CA SER A 40 -21.71 29.01 -11.30
C SER A 40 -21.68 30.55 -11.40
N THR A 41 -22.38 31.08 -12.40
CA THR A 41 -22.33 32.52 -12.73
C THR A 41 -23.03 33.42 -11.68
N ASP A 42 -23.78 32.81 -10.77
CA ASP A 42 -24.41 33.52 -9.65
C ASP A 42 -24.02 32.94 -8.28
N ASN A 43 -22.83 32.32 -8.22
CA ASN A 43 -22.23 31.90 -6.95
C ASN A 43 -21.41 33.05 -6.34
N LEU A 44 -22.01 33.72 -5.36
CA LEU A 44 -21.43 34.92 -4.72
C LEU A 44 -20.15 34.63 -3.90
N PRO A 45 -20.18 33.60 -3.02
CA PRO A 45 -18.94 33.13 -2.35
C PRO A 45 -17.78 32.86 -3.32
N LEU A 46 -18.07 32.16 -4.43
CA LEU A 46 -17.10 31.90 -5.50
C LEU A 46 -16.57 33.22 -6.08
N ARG A 47 -17.51 34.09 -6.44
CA ARG A 47 -17.16 35.42 -6.91
C ARG A 47 -16.30 36.15 -5.85
N GLU A 48 -16.78 36.16 -4.59
CA GLU A 48 -16.02 36.79 -3.51
C GLU A 48 -14.60 36.24 -3.41
N ALA A 49 -14.48 34.91 -3.40
CA ALA A 49 -13.19 34.25 -3.29
C ALA A 49 -12.28 34.63 -4.45
N ILE A 50 -12.82 34.34 -5.78
CA ILE A 50 -12.06 34.71 -6.99
C ILE A 50 -11.61 36.16 -6.90
N MET A 51 -12.56 37.05 -6.65
CA MET A 51 -12.26 38.47 -6.54
C MET A 51 -11.24 38.82 -5.45
N LEU A 52 -11.24 38.06 -4.35
CA LEU A 52 -10.31 38.38 -3.21
C LEU A 52 -8.88 37.94 -3.55
N LEU A 53 -8.78 36.90 -4.40
CA LEU A 53 -7.48 36.37 -4.87
C LEU A 53 -6.90 37.20 -6.01
N ARG A 54 -7.77 37.89 -6.77
CA ARG A 54 -7.33 38.81 -7.81
C ARG A 54 -6.64 40.00 -7.20
N GLU A 55 -7.22 40.49 -6.10
CA GLU A 55 -6.65 41.64 -5.37
C GLU A 55 -5.60 41.18 -4.34
N GLU A 56 -4.88 40.11 -4.69
CA GLU A 56 -3.75 39.62 -3.90
C GLU A 56 -2.55 39.49 -4.84
N GLY A 57 -2.82 39.74 -6.14
CA GLY A 57 -1.78 39.73 -7.18
C GLY A 57 -1.98 38.63 -8.20
N MET A 58 -2.99 37.82 -8.03
CA MET A 58 -3.13 36.69 -8.90
C MET A 58 -3.88 37.08 -10.16
N THR A 59 -3.47 36.46 -11.27
CA THR A 59 -4.13 36.61 -12.55
C THR A 59 -5.06 35.42 -12.67
N ILE A 60 -6.36 35.68 -12.69
CA ILE A 60 -7.31 34.58 -12.86
C ILE A 60 -8.46 34.89 -13.83
N HIS A 61 -8.34 34.32 -15.02
CA HIS A 61 -9.35 34.47 -16.06
C HIS A 61 -10.51 33.56 -15.76
N VAL A 62 -11.71 34.10 -15.95
CA VAL A 62 -12.91 33.32 -15.76
C VAL A 62 -13.64 33.23 -17.10
N ARG A 63 -13.86 32.00 -17.55
CA ARG A 63 -14.59 31.69 -18.80
C ARG A 63 -15.76 30.78 -18.48
N VAL A 64 -16.89 31.02 -19.15
CA VAL A 64 -18.12 30.31 -18.81
C VAL A 64 -18.55 29.52 -20.03
N THR A 65 -18.79 28.22 -19.84
CA THR A 65 -19.25 27.34 -20.91
C THR A 65 -20.78 27.35 -21.11
N TRP A 66 -21.18 27.08 -22.34
CA TRP A 66 -22.60 27.06 -22.66
C TRP A 66 -22.96 25.75 -23.32
N GLU A 67 -22.03 25.18 -24.07
CA GLU A 67 -22.31 23.94 -24.86
C GLU A 67 -21.03 23.10 -24.94
N LYS A 68 -21.12 21.81 -25.32
CA LYS A 68 -19.86 21.05 -25.46
C LYS A 68 -19.03 21.61 -26.60
N GLY A 69 -17.71 21.48 -26.50
CA GLY A 69 -16.82 22.16 -27.44
C GLY A 69 -16.26 23.46 -26.89
N ASP A 70 -16.99 24.06 -25.93
CA ASP A 70 -16.63 25.38 -25.36
C ASP A 70 -15.43 25.27 -24.45
N ALA A 71 -15.37 24.19 -23.68
CA ALA A 71 -14.26 23.98 -22.74
C ALA A 71 -13.00 23.89 -23.60
N ALA A 72 -13.07 23.05 -24.63
CA ALA A 72 -11.97 22.92 -25.59
C ALA A 72 -11.56 24.29 -26.09
N ARG A 73 -12.53 25.12 -26.49
CA ARG A 73 -12.21 26.42 -27.04
C ARG A 73 -11.48 27.26 -25.99
N TYR A 74 -11.94 27.17 -24.75
CA TYR A 74 -11.37 27.99 -23.67
C TYR A 74 -10.04 27.42 -23.13
N VAL A 75 -9.88 26.10 -23.24
CA VAL A 75 -8.61 25.44 -22.98
C VAL A 75 -7.55 26.03 -23.92
N GLU A 76 -7.89 26.13 -25.21
CA GLU A 76 -6.91 26.64 -26.16
C GLU A 76 -6.65 28.13 -25.95
N GLU A 77 -7.66 28.88 -25.49
CA GLU A 77 -7.44 30.31 -25.18
C GLU A 77 -6.52 30.40 -23.97
N ALA A 78 -6.71 29.50 -23.01
CA ALA A 78 -5.82 29.38 -21.87
C ALA A 78 -4.38 29.22 -22.34
N ARG A 79 -4.16 28.35 -23.32
CA ARG A 79 -2.84 28.16 -23.93
C ARG A 79 -2.24 29.45 -24.45
N LYS A 80 -2.98 30.14 -25.31
CA LYS A 80 -2.54 31.41 -25.90
C LYS A 80 -2.05 32.40 -24.85
N PHE A 81 -2.69 32.40 -23.69
CA PHE A 81 -2.32 33.26 -22.57
C PHE A 81 -1.00 32.83 -21.92
N GLY A 82 -0.61 31.57 -22.16
CA GLY A 82 0.58 31.00 -21.53
C GLY A 82 0.29 30.66 -20.08
N VAL A 83 -0.92 30.18 -19.82
CA VAL A 83 -1.44 29.98 -18.48
C VAL A 83 -0.86 28.66 -17.90
N ALA A 84 -0.77 28.57 -16.56
CA ALA A 84 -0.20 27.37 -15.88
C ALA A 84 -1.22 26.33 -15.41
N THR A 85 -2.44 26.75 -15.15
CA THR A 85 -3.51 25.83 -14.74
C THR A 85 -4.78 26.24 -15.47
N VAL A 86 -5.48 25.23 -16.02
CA VAL A 86 -6.88 25.39 -16.41
C VAL A 86 -7.70 24.72 -15.29
N ILE A 87 -8.60 25.49 -14.72
CA ILE A 87 -9.31 25.07 -13.51
C ILE A 87 -10.75 24.68 -13.89
N ALA A 88 -11.11 23.41 -13.66
CA ALA A 88 -12.49 22.99 -13.90
C ALA A 88 -13.35 23.37 -12.67
N GLY A 89 -14.19 24.42 -12.83
CA GLY A 89 -15.17 24.85 -11.81
C GLY A 89 -16.56 24.24 -11.99
N GLY A 90 -16.78 23.06 -11.41
CA GLY A 90 -18.02 22.32 -11.67
C GLY A 90 -18.02 20.89 -11.23
N GLY A 91 -18.97 20.13 -11.77
CA GLY A 91 -19.11 18.73 -11.39
C GLY A 91 -18.12 17.80 -12.03
N ASP A 92 -18.36 16.52 -11.84
CA ASP A 92 -17.46 15.53 -12.40
C ASP A 92 -17.49 15.65 -13.92
N GLY A 93 -18.66 15.99 -14.46
CA GLY A 93 -18.83 16.35 -15.86
C GLY A 93 -17.93 17.45 -16.42
N THR A 94 -17.90 18.61 -15.76
CA THR A 94 -17.04 19.70 -16.19
C THR A 94 -15.57 19.26 -16.13
N ILE A 95 -15.19 18.57 -15.05
CA ILE A 95 -13.79 18.12 -14.86
C ILE A 95 -13.39 17.18 -15.99
N ASN A 96 -14.34 16.36 -16.38
CA ASN A 96 -14.10 15.41 -17.48
C ASN A 96 -14.05 16.14 -18.83
N GLU A 97 -14.84 17.20 -19.00
CA GLU A 97 -14.78 17.98 -20.22
C GLU A 97 -13.45 18.69 -20.34
N VAL A 98 -13.02 19.32 -19.24
CA VAL A 98 -11.73 20.00 -19.24
C VAL A 98 -10.57 19.01 -19.41
N SER A 99 -10.59 17.92 -18.62
CA SER A 99 -9.55 16.90 -18.66
C SER A 99 -9.39 16.32 -20.05
N THR A 100 -10.53 15.96 -20.65
CA THR A 100 -10.56 15.40 -21.96
C THR A 100 -9.97 16.41 -22.96
N ALA A 101 -10.29 17.70 -22.80
CA ALA A 101 -9.78 18.73 -23.69
C ALA A 101 -8.26 18.89 -23.49
N LEU A 102 -7.81 18.93 -22.23
CA LEU A 102 -6.38 18.99 -21.97
C LEU A 102 -5.58 17.83 -22.56
N ILE A 103 -6.05 16.59 -22.42
CA ILE A 103 -5.31 15.44 -22.97
C ILE A 103 -5.27 15.44 -24.50
N GLN A 104 -6.18 16.17 -25.15
CA GLN A 104 -6.21 16.20 -26.62
C GLN A 104 -5.24 17.25 -27.19
N CYS A 105 -4.76 18.12 -26.31
CA CYS A 105 -3.80 19.15 -26.66
C CYS A 105 -2.49 18.57 -27.18
N GLU A 106 -2.11 19.01 -28.36
CA GLU A 106 -0.86 18.62 -28.98
C GLU A 106 0.18 19.71 -28.67
N GLY A 107 1.28 19.36 -28.01
CA GLY A 107 2.39 20.32 -27.92
C GLY A 107 3.13 20.48 -26.60
N ASP A 108 3.70 21.68 -26.44
CA ASP A 108 4.78 21.92 -25.47
C ASP A 108 4.40 22.35 -24.04
N ASP A 109 3.46 23.29 -23.92
CA ASP A 109 3.26 24.03 -22.67
C ASP A 109 1.91 23.77 -22.01
N ILE A 110 1.54 22.49 -21.90
CA ILE A 110 0.14 22.16 -21.57
C ILE A 110 -0.21 22.43 -20.10
N PRO A 111 -1.26 23.22 -19.86
CA PRO A 111 -1.68 23.59 -18.51
C PRO A 111 -2.00 22.39 -17.59
N ALA A 112 -1.60 22.47 -16.33
CA ALA A 112 -2.04 21.49 -15.33
C ALA A 112 -3.55 21.64 -15.13
N LEU A 113 -4.17 20.61 -14.60
CA LEU A 113 -5.60 20.65 -14.31
C LEU A 113 -5.74 21.07 -12.85
N GLY A 114 -6.57 22.07 -12.60
CA GLY A 114 -6.95 22.33 -11.23
C GLY A 114 -8.42 22.08 -11.11
N ILE A 115 -8.91 21.95 -9.88
CA ILE A 115 -10.29 21.55 -9.65
C ILE A 115 -10.95 22.42 -8.58
N LEU A 116 -12.10 23.02 -8.93
CA LEU A 116 -12.98 23.65 -7.95
C LEU A 116 -14.24 22.83 -7.80
N PRO A 117 -14.63 22.54 -6.55
CA PRO A 117 -15.76 21.64 -6.29
C PRO A 117 -17.13 22.35 -6.46
N LEU A 118 -17.50 22.68 -7.68
CA LEU A 118 -18.70 23.49 -7.92
C LEU A 118 -19.87 22.70 -8.54
N GLY A 119 -19.84 21.39 -8.35
CA GLY A 119 -20.89 20.53 -8.85
C GLY A 119 -21.90 20.22 -7.77
N THR A 120 -22.89 19.39 -8.10
CA THR A 120 -23.85 18.90 -7.13
C THR A 120 -23.20 17.86 -6.22
N ALA A 121 -22.54 16.86 -6.81
CA ALA A 121 -21.99 15.71 -6.07
C ALA A 121 -20.50 15.75 -5.77
N ASN A 122 -19.69 16.28 -6.71
CA ASN A 122 -18.27 16.48 -6.50
C ASN A 122 -17.46 15.24 -6.10
N ASP A 123 -17.84 14.09 -6.62
CA ASP A 123 -17.25 12.82 -6.19
C ASP A 123 -15.73 12.77 -6.30
N PHE A 124 -15.19 13.12 -7.48
CA PHE A 124 -13.78 13.08 -7.73
C PHE A 124 -13.03 14.02 -6.82
N ALA A 125 -13.50 15.27 -6.75
CA ALA A 125 -12.87 16.30 -5.96
C ALA A 125 -12.82 15.91 -4.50
N THR A 126 -13.96 15.50 -3.94
CA THR A 126 -13.96 14.99 -2.58
C THR A 126 -12.85 13.95 -2.49
N SER A 127 -12.99 12.86 -3.23
CA SER A 127 -12.07 11.73 -3.14
C SER A 127 -10.59 12.06 -3.31
N VAL A 128 -10.24 13.12 -4.04
CA VAL A 128 -8.82 13.51 -4.13
C VAL A 128 -8.40 14.59 -3.09
N GLY A 129 -9.26 14.85 -2.11
CA GLY A 129 -8.96 15.82 -1.05
C GLY A 129 -8.96 17.30 -1.43
N ILE A 130 -9.76 17.70 -2.41
CA ILE A 130 -9.93 19.17 -2.61
C ILE A 130 -10.75 19.77 -1.46
N PRO A 131 -10.24 20.84 -0.83
CA PRO A 131 -10.94 21.46 0.31
C PRO A 131 -12.28 22.07 -0.11
N GLU A 132 -13.27 21.97 0.77
CA GLU A 132 -14.59 22.54 0.50
C GLU A 132 -14.55 24.07 0.44
N ALA A 133 -13.63 24.66 1.22
CA ALA A 133 -13.44 26.11 1.28
C ALA A 133 -12.86 26.63 -0.04
N LEU A 134 -13.65 27.42 -0.76
CA LEU A 134 -13.33 27.72 -2.16
C LEU A 134 -12.07 28.58 -2.34
N ASP A 135 -11.86 29.53 -1.42
CA ASP A 135 -10.58 30.27 -1.38
C ASP A 135 -9.40 29.28 -1.28
N LYS A 136 -9.49 28.35 -0.34
CA LYS A 136 -8.52 27.27 -0.23
C LYS A 136 -8.46 26.40 -1.50
N ALA A 137 -9.61 25.99 -2.02
CA ALA A 137 -9.62 25.14 -3.23
C ALA A 137 -9.02 25.88 -4.42
N LEU A 138 -9.35 27.18 -4.54
CA LEU A 138 -8.76 28.05 -5.56
C LEU A 138 -7.26 28.09 -5.49
N LYS A 139 -6.78 28.21 -4.26
CA LYS A 139 -5.38 28.44 -3.98
C LYS A 139 -4.61 27.16 -4.25
N LEU A 140 -5.20 26.05 -3.82
CA LEU A 140 -4.68 24.74 -4.20
C LEU A 140 -4.51 24.68 -5.72
N ALA A 141 -5.51 25.19 -6.44
CA ALA A 141 -5.65 24.90 -7.88
C ALA A 141 -4.69 25.76 -8.68
N ILE A 142 -4.28 26.87 -8.08
CA ILE A 142 -3.36 27.81 -8.68
C ILE A 142 -1.93 27.51 -8.27
N ALA A 143 -1.76 27.17 -6.99
CA ALA A 143 -0.43 27.08 -6.38
C ALA A 143 -0.05 25.71 -5.83
N GLY A 144 -0.88 24.69 -6.04
CA GLY A 144 -0.56 23.32 -5.62
C GLY A 144 0.59 22.73 -6.41
N ASP A 145 1.08 21.57 -5.95
CA ASP A 145 2.01 20.76 -6.70
C ASP A 145 1.19 20.02 -7.79
N ALA A 146 1.75 19.88 -8.99
CA ALA A 146 1.11 19.15 -10.09
C ALA A 146 1.76 17.79 -10.27
N ILE A 147 0.92 16.78 -10.45
CA ILE A 147 1.43 15.42 -10.58
C ILE A 147 0.66 14.73 -11.70
N ALA A 148 1.37 13.88 -12.42
CA ALA A 148 0.81 13.16 -13.56
C ALA A 148 -0.12 12.12 -13.03
N ILE A 149 -1.34 12.09 -13.57
CA ILE A 149 -2.34 11.07 -13.20
C ILE A 149 -2.86 10.37 -14.46
N ASP A 150 -3.46 9.20 -14.29
CA ASP A 150 -4.01 8.45 -15.41
C ASP A 150 -5.35 9.00 -15.79
N MET A 151 -5.77 8.69 -17.01
CA MET A 151 -7.15 8.80 -17.43
C MET A 151 -7.51 7.45 -18.05
N ALA A 152 -8.74 7.32 -18.52
CA ALA A 152 -9.12 6.04 -19.13
C ALA A 152 -9.93 6.29 -20.37
N GLN A 153 -9.96 5.31 -21.26
CA GLN A 153 -10.64 5.52 -22.52
C GLN A 153 -11.50 4.27 -22.81
N VAL A 154 -12.66 4.49 -23.39
CA VAL A 154 -13.58 3.40 -23.70
C VAL A 154 -13.70 3.31 -25.21
N ASN A 155 -13.53 2.10 -25.75
CA ASN A 155 -13.72 1.88 -27.19
C ASN A 155 -12.95 2.84 -28.13
N LYS A 156 -11.75 3.25 -27.69
CA LYS A 156 -10.86 4.17 -28.40
C LYS A 156 -11.54 5.47 -28.71
N GLN A 157 -12.46 5.87 -27.85
CA GLN A 157 -13.27 7.07 -28.12
C GLN A 157 -13.39 7.93 -26.86
N THR A 158 -14.46 7.75 -26.08
CA THR A 158 -14.75 8.57 -24.91
C THR A 158 -13.69 8.35 -23.83
N CYS A 159 -13.23 9.42 -23.21
CA CYS A 159 -12.32 9.26 -22.08
C CYS A 159 -13.03 9.60 -20.80
N PHE A 160 -12.46 9.18 -19.66
CA PHE A 160 -13.02 9.49 -18.36
C PHE A 160 -11.90 9.59 -17.35
N ILE A 161 -12.09 10.42 -16.32
CA ILE A 161 -11.08 10.56 -15.31
C ILE A 161 -11.39 9.83 -14.01
N ASN A 162 -12.67 9.56 -13.77
CA ASN A 162 -13.09 9.05 -12.45
C ASN A 162 -13.61 7.62 -12.51
N MET A 163 -14.82 7.45 -13.05
CA MET A 163 -15.49 6.15 -12.87
C MET A 163 -16.36 5.83 -14.06
N ALA A 164 -16.42 4.55 -14.36
CA ALA A 164 -17.30 4.00 -15.32
C ALA A 164 -18.19 2.99 -14.56
N THR A 165 -19.49 3.17 -14.57
CA THR A 165 -20.37 2.18 -13.92
C THR A 165 -21.28 1.62 -14.97
N GLY A 166 -21.44 0.31 -14.96
CA GLY A 166 -22.22 -0.35 -15.99
C GLY A 166 -23.28 -1.22 -15.39
N GLY A 167 -24.40 -1.32 -16.10
CA GLY A 167 -25.52 -2.10 -15.62
C GLY A 167 -26.44 -2.29 -16.80
N PHE A 168 -27.52 -3.01 -16.57
CA PHE A 168 -28.45 -3.36 -17.61
C PHE A 168 -29.77 -2.73 -17.19
N GLY A 169 -30.36 -1.93 -18.06
CA GLY A 169 -31.58 -1.24 -17.69
C GLY A 169 -32.08 -0.30 -18.76
N THR A 170 -32.83 0.71 -18.32
CA THR A 170 -33.44 1.66 -19.22
C THR A 170 -32.98 3.02 -18.77
N ARG A 171 -32.69 3.91 -19.71
CA ARG A 171 -32.12 5.22 -19.37
C ARG A 171 -33.13 6.12 -18.67
N ILE A 172 -32.59 7.06 -17.91
CA ILE A 172 -33.35 7.97 -17.08
C ILE A 172 -33.94 9.10 -17.92
N ALA A 183 -39.90 2.66 -3.87
CA ALA A 183 -40.34 3.25 -2.62
C ALA A 183 -39.21 3.69 -1.69
N LEU A 184 -38.10 2.95 -1.71
CA LEU A 184 -36.97 3.24 -0.82
C LEU A 184 -35.88 4.09 -1.53
N GLY A 185 -35.57 5.24 -0.92
CA GLY A 185 -34.69 6.26 -1.51
C GLY A 185 -33.24 5.89 -1.65
N SER A 186 -32.74 5.04 -0.74
CA SER A 186 -31.40 4.45 -0.82
C SER A 186 -31.16 3.82 -2.19
N VAL A 187 -32.16 3.05 -2.62
CA VAL A 187 -32.10 2.26 -3.85
C VAL A 187 -32.26 3.15 -5.07
N SER A 188 -33.29 3.99 -5.09
CA SER A 188 -33.53 4.91 -6.21
C SER A 188 -32.31 5.77 -6.44
N TYR A 189 -31.73 6.30 -5.37
CA TYR A 189 -30.50 7.06 -5.43
C TYR A 189 -29.41 6.35 -6.24
N ILE A 190 -29.25 5.05 -6.04
CA ILE A 190 -28.28 4.27 -6.81
C ILE A 190 -28.64 4.13 -8.30
N ILE A 191 -29.85 3.70 -8.59
CA ILE A 191 -30.28 3.52 -9.98
C ILE A 191 -30.29 4.86 -10.74
N HIS A 192 -30.83 5.91 -10.12
CA HIS A 192 -30.90 7.25 -10.73
C HIS A 192 -29.56 7.98 -10.75
N GLY A 193 -28.90 8.08 -9.61
CA GLY A 193 -27.69 8.90 -9.48
C GLY A 193 -26.44 8.22 -10.01
N LEU A 194 -26.21 6.97 -9.59
CA LEU A 194 -24.97 6.31 -9.90
C LEU A 194 -24.96 5.69 -11.30
N MET A 195 -26.11 5.14 -11.67
CA MET A 195 -26.23 4.36 -12.87
C MET A 195 -26.90 5.19 -13.97
N ARG A 196 -27.51 6.30 -13.60
CA ARG A 196 -28.23 7.13 -14.57
C ARG A 196 -29.22 6.30 -15.41
N MET A 197 -30.11 5.60 -14.72
CA MET A 197 -31.10 4.75 -15.34
C MET A 197 -32.39 4.87 -14.54
N ASP A 198 -33.48 4.38 -15.13
CA ASP A 198 -34.81 4.28 -14.51
C ASP A 198 -35.06 2.88 -13.94
N THR A 199 -34.41 1.89 -14.56
CA THR A 199 -34.50 0.50 -14.12
C THR A 199 -33.13 -0.14 -14.02
N LEU A 200 -33.03 -1.20 -13.23
CA LEU A 200 -31.78 -1.96 -13.11
C LEU A 200 -32.11 -3.42 -12.83
N GLN A 201 -31.54 -4.33 -13.63
CA GLN A 201 -31.72 -5.77 -13.43
C GLN A 201 -30.38 -6.46 -13.65
N PRO A 202 -30.17 -7.65 -13.02
CA PRO A 202 -28.92 -8.34 -13.35
C PRO A 202 -29.01 -8.99 -14.73
N ASP A 203 -27.88 -9.16 -15.41
CA ASP A 203 -27.90 -9.88 -16.69
C ASP A 203 -26.52 -10.48 -16.89
N ARG A 204 -26.45 -11.40 -17.84
CA ARG A 204 -25.16 -12.06 -18.16
C ARG A 204 -24.15 -11.17 -18.86
N CYS A 205 -22.87 -11.42 -18.54
CA CYS A 205 -21.74 -10.79 -19.19
C CYS A 205 -20.44 -11.53 -18.87
N GLU A 206 -19.42 -11.26 -19.66
CA GLU A 206 -18.09 -11.76 -19.37
C GLU A 206 -17.11 -10.63 -19.42
N ILE A 207 -16.16 -10.71 -18.50
CA ILE A 207 -15.18 -9.67 -18.27
C ILE A 207 -13.79 -10.27 -18.15
N ARG A 208 -12.84 -9.74 -18.93
CA ARG A 208 -11.44 -10.20 -18.97
C ARG A 208 -10.54 -9.01 -18.76
N GLY A 209 -9.38 -9.24 -18.14
CA GLY A 209 -8.36 -8.25 -17.95
C GLY A 209 -7.15 -9.03 -17.50
N GLU A 210 -6.08 -8.34 -17.19
CA GLU A 210 -4.85 -8.97 -16.74
C GLU A 210 -5.21 -9.72 -15.45
N ASN A 211 -4.93 -11.02 -15.44
CA ASN A 211 -5.10 -11.88 -14.27
C ASN A 211 -6.55 -12.01 -13.89
N PHE A 212 -7.47 -11.82 -14.83
CA PHE A 212 -8.88 -11.68 -14.47
C PHE A 212 -9.71 -12.29 -15.55
N HIS A 213 -10.66 -13.14 -15.17
CA HIS A 213 -11.58 -13.72 -16.13
C HIS A 213 -12.82 -14.15 -15.39
N TRP A 214 -13.96 -13.59 -15.74
CA TRP A 214 -15.21 -13.91 -15.07
C TRP A 214 -16.38 -13.96 -16.05
N GLN A 215 -17.31 -14.88 -15.85
CA GLN A 215 -18.58 -14.87 -16.57
C GLN A 215 -19.73 -15.18 -15.61
N GLY A 216 -20.84 -14.46 -15.70
CA GLY A 216 -22.01 -14.75 -14.87
C GLY A 216 -22.97 -13.57 -14.90
N ASP A 217 -23.94 -13.54 -13.98
CA ASP A 217 -24.88 -12.41 -13.87
C ASP A 217 -24.29 -11.29 -12.99
N ALA A 218 -24.37 -10.04 -13.46
CA ALA A 218 -23.84 -8.90 -12.74
C ALA A 218 -24.93 -7.86 -12.64
N LEU A 219 -24.98 -7.19 -11.50
CA LEU A 219 -25.99 -6.19 -11.26
C LEU A 219 -25.39 -4.78 -11.45
N VAL A 220 -24.18 -4.61 -10.92
CA VAL A 220 -23.36 -3.41 -11.11
C VAL A 220 -21.89 -3.76 -11.43
N ILE A 221 -21.31 -3.07 -12.41
CA ILE A 221 -19.91 -3.21 -12.75
C ILE A 221 -19.34 -1.84 -12.43
N GLY A 222 -18.29 -1.82 -11.61
CA GLY A 222 -17.57 -0.60 -11.33
C GLY A 222 -16.18 -0.70 -11.90
N ILE A 223 -15.81 0.19 -12.85
CA ILE A 223 -14.41 0.22 -13.40
C ILE A 223 -13.78 1.60 -13.13
N GLY A 224 -12.92 1.65 -12.14
CA GLY A 224 -12.49 2.93 -11.63
C GLY A 224 -11.09 3.38 -11.85
N ASN A 225 -10.94 4.64 -12.32
CA ASN A 225 -9.68 5.34 -12.12
C ASN A 225 -9.66 5.86 -10.70
N GLY A 226 -10.67 6.68 -10.35
CA GLY A 226 -10.92 7.05 -8.94
C GLY A 226 -11.73 5.99 -8.18
N ARG A 227 -12.28 6.37 -7.04
CA ARG A 227 -12.80 5.40 -6.04
C ARG A 227 -14.32 5.52 -5.84
N GLN A 228 -14.82 6.72 -6.14
CA GLN A 228 -16.12 7.20 -5.74
C GLN A 228 -16.89 7.75 -6.93
N ALA A 229 -18.19 7.47 -6.99
CA ALA A 229 -19.09 8.04 -7.99
C ALA A 229 -20.52 8.18 -7.45
N GLY A 230 -21.38 8.86 -8.21
CA GLY A 230 -22.78 9.04 -7.84
C GLY A 230 -23.09 9.55 -6.43
N GLY A 231 -22.28 10.49 -5.96
CA GLY A 231 -22.54 11.13 -4.68
C GLY A 231 -22.24 10.21 -3.52
N GLY A 232 -20.99 9.82 -3.37
CA GLY A 232 -20.55 9.12 -2.17
C GLY A 232 -20.48 7.61 -2.22
N GLN A 233 -20.95 7.00 -3.32
CA GLN A 233 -20.85 5.54 -3.47
C GLN A 233 -19.41 5.06 -3.72
N GLN A 234 -18.92 4.23 -2.81
CA GLN A 234 -17.55 3.70 -2.80
C GLN A 234 -17.33 2.45 -3.67
N LEU A 235 -17.35 2.62 -4.98
CA LEU A 235 -17.28 1.53 -5.96
C LEU A 235 -15.98 0.78 -5.96
N CYS A 236 -14.88 1.50 -5.70
CA CYS A 236 -13.54 0.96 -5.88
C CYS A 236 -12.63 1.46 -4.80
N PRO A 237 -12.79 0.92 -3.58
CA PRO A 237 -12.15 1.51 -2.42
C PRO A 237 -10.64 1.56 -2.56
N ASN A 238 -10.09 0.67 -3.39
CA ASN A 238 -8.65 0.49 -3.47
C ASN A 238 -7.98 1.21 -4.66
N ALA A 239 -8.76 2.02 -5.38
CA ALA A 239 -8.26 2.76 -6.56
C ALA A 239 -7.13 3.70 -6.22
N LEU A 240 -6.14 3.73 -7.11
CA LEU A 240 -5.11 4.79 -7.11
C LEU A 240 -5.16 5.38 -8.53
N ILE A 241 -5.13 6.71 -8.64
CA ILE A 241 -5.21 7.38 -9.95
C ILE A 241 -3.88 7.50 -10.74
N ASN A 242 -2.76 7.02 -10.19
CA ASN A 242 -1.50 7.11 -10.92
C ASN A 242 -0.66 5.82 -10.83
N ASP A 243 -1.33 4.65 -10.82
CA ASP A 243 -0.64 3.35 -10.75
C ASP A 243 -0.66 2.61 -12.07
N GLY A 244 -1.26 3.23 -13.08
CA GLY A 244 -1.38 2.59 -14.41
C GLY A 244 -2.43 1.55 -14.46
N LEU A 245 -3.30 1.51 -13.45
CA LEU A 245 -4.25 0.42 -13.25
C LEU A 245 -5.68 0.81 -12.94
N LEU A 246 -6.62 0.24 -13.70
CA LEU A 246 -8.07 0.33 -13.42
C LEU A 246 -8.43 -0.70 -12.36
N GLN A 247 -9.26 -0.30 -11.40
CA GLN A 247 -9.87 -1.24 -10.46
C GLN A 247 -11.12 -1.74 -11.09
N LEU A 248 -11.40 -3.01 -10.87
CA LEU A 248 -12.70 -3.55 -11.27
C LEU A 248 -13.38 -4.05 -9.99
N ARG A 249 -14.64 -3.71 -9.80
CA ARG A 249 -15.47 -4.49 -8.87
C ARG A 249 -16.82 -4.86 -9.51
N ILE A 250 -17.12 -6.16 -9.52
CA ILE A 250 -18.42 -6.64 -10.00
C ILE A 250 -19.33 -6.97 -8.81
N PHE A 251 -20.45 -6.29 -8.77
CA PHE A 251 -21.46 -6.59 -7.78
C PHE A 251 -22.50 -7.50 -8.38
N THR A 252 -22.47 -8.74 -7.95
CA THR A 252 -23.49 -9.72 -8.32
C THR A 252 -24.69 -9.49 -7.39
N GLY A 253 -25.88 -9.92 -7.77
CA GLY A 253 -27.01 -9.72 -6.87
C GLY A 253 -28.28 -10.44 -7.26
N ASP A 254 -29.35 -9.66 -7.34
CA ASP A 254 -30.73 -10.12 -7.55
C ASP A 254 -31.50 -8.79 -7.71
N GLU A 255 -31.32 -7.92 -6.72
CA GLU A 255 -31.73 -6.53 -6.72
C GLU A 255 -30.74 -5.79 -5.82
N ILE A 256 -30.93 -4.49 -5.71
CA ILE A 256 -30.25 -3.65 -4.73
C ILE A 256 -30.83 -3.88 -3.34
N LEU A 257 -30.05 -4.56 -2.51
CA LEU A 257 -30.46 -4.90 -1.16
C LEU A 257 -29.63 -4.08 -0.18
N PRO A 258 -30.02 -4.07 1.12
CA PRO A 258 -29.27 -3.34 2.16
C PRO A 258 -27.80 -3.73 2.12
N ALA A 259 -27.52 -4.98 1.74
CA ALA A 259 -26.19 -5.40 1.27
C ALA A 259 -25.52 -4.32 0.42
N LEU A 260 -26.08 -4.04 -0.75
CA LEU A 260 -25.45 -3.16 -1.75
C LEU A 260 -25.44 -1.70 -1.29
N VAL A 261 -26.48 -1.27 -0.59
CA VAL A 261 -26.50 0.10 -0.12
C VAL A 261 -25.42 0.23 0.95
N SER A 262 -25.41 -0.71 1.90
CA SER A 262 -24.41 -0.76 2.97
C SER A 262 -22.99 -0.75 2.42
N THR A 263 -22.71 -1.70 1.54
CA THR A 263 -21.36 -1.90 1.00
C THR A 263 -20.84 -0.69 0.22
N LEU A 264 -21.74 0.08 -0.38
CA LEU A 264 -21.37 1.29 -1.11
C LEU A 264 -21.14 2.53 -0.24
N LYS A 265 -21.85 2.65 0.87
CA LYS A 265 -21.74 3.85 1.70
C LYS A 265 -20.41 3.84 2.47
N SER A 266 -20.38 3.15 3.61
CA SER A 266 -19.14 2.93 4.36
C SER A 266 -18.40 1.74 3.74
N ASP A 267 -17.52 1.11 4.51
CA ASP A 267 -16.84 -0.10 4.03
C ASP A 267 -17.53 -1.37 4.53
N GLU A 268 -17.85 -2.26 3.59
CA GLU A 268 -18.24 -3.61 3.93
C GLU A 268 -17.40 -4.59 3.12
N ASP A 269 -16.77 -5.54 3.82
CA ASP A 269 -16.00 -6.61 3.20
C ASP A 269 -16.98 -7.73 2.80
N ASN A 270 -17.06 -8.01 1.49
CA ASN A 270 -18.16 -8.80 0.95
C ASN A 270 -17.77 -9.79 -0.17
N PRO A 271 -17.87 -11.10 0.11
CA PRO A 271 -17.76 -12.23 -0.84
C PRO A 271 -18.56 -12.14 -2.15
N ASN A 272 -19.69 -11.43 -2.15
CA ASN A 272 -20.48 -11.22 -3.37
C ASN A 272 -19.95 -10.09 -4.26
N ILE A 273 -18.73 -9.66 -3.97
CA ILE A 273 -18.07 -8.65 -4.81
C ILE A 273 -16.82 -9.27 -5.41
N ILE A 274 -16.72 -9.21 -6.71
CA ILE A 274 -15.58 -9.77 -7.44
C ILE A 274 -14.63 -8.65 -7.83
N GLU A 275 -13.34 -8.80 -7.53
CA GLU A 275 -12.38 -7.70 -7.79
C GLU A 275 -11.21 -8.04 -8.69
N GLY A 276 -10.75 -7.02 -9.40
CA GLY A 276 -9.61 -7.11 -10.29
C GLY A 276 -8.87 -5.80 -10.44
N ALA A 277 -7.69 -5.86 -11.02
CA ALA A 277 -6.91 -4.64 -11.35
C ALA A 277 -6.10 -4.96 -12.61
N SER A 278 -6.20 -4.10 -13.61
CA SER A 278 -5.64 -4.37 -14.92
C SER A 278 -5.46 -3.01 -15.62
N SER A 279 -4.51 -2.90 -16.55
CA SER A 279 -4.50 -1.70 -17.41
C SER A 279 -5.64 -1.74 -18.44
N TRP A 280 -6.32 -2.87 -18.60
CA TRP A 280 -7.43 -2.93 -19.59
C TRP A 280 -8.49 -3.88 -19.07
N PHE A 281 -9.75 -3.62 -19.40
CA PHE A 281 -10.80 -4.64 -19.17
C PHE A 281 -11.66 -4.71 -20.41
N ASP A 282 -11.98 -5.92 -20.86
CA ASP A 282 -12.93 -6.16 -21.92
C ASP A 282 -14.21 -6.71 -21.34
N ILE A 283 -15.34 -6.12 -21.75
CA ILE A 283 -16.62 -6.54 -21.23
C ILE A 283 -17.51 -6.90 -22.37
N GLN A 284 -18.10 -8.08 -22.33
CA GLN A 284 -19.10 -8.28 -23.29
C GLN A 284 -20.35 -8.99 -22.81
N ALA A 285 -21.45 -8.75 -23.50
CA ALA A 285 -22.74 -9.16 -23.02
C ALA A 285 -23.67 -9.45 -24.17
N PRO A 286 -24.55 -10.47 -24.02
CA PRO A 286 -25.53 -10.80 -25.02
C PRO A 286 -26.63 -9.76 -25.18
N HIS A 287 -26.82 -8.89 -24.19
CA HIS A 287 -27.77 -7.79 -24.30
C HIS A 287 -27.04 -6.50 -23.95
N ASP A 288 -27.57 -5.33 -24.33
CA ASP A 288 -26.81 -4.06 -24.11
C ASP A 288 -26.58 -3.80 -22.65
N ILE A 289 -25.34 -3.45 -22.32
CA ILE A 289 -25.01 -2.92 -21.03
C ILE A 289 -24.95 -1.43 -21.27
N THR A 290 -25.29 -0.67 -20.24
CA THR A 290 -25.21 0.77 -20.23
C THR A 290 -24.14 1.21 -19.22
N PHE A 291 -23.09 1.87 -19.74
CA PHE A 291 -22.03 2.45 -18.94
C PHE A 291 -22.24 3.95 -18.79
N ASN A 292 -22.13 4.41 -17.55
CA ASN A 292 -22.14 5.84 -17.21
C ASN A 292 -20.67 6.23 -16.95
N LEU A 293 -20.15 7.08 -17.83
CA LEU A 293 -18.74 7.46 -17.80
C LEU A 293 -18.67 8.90 -17.34
N ASP A 294 -18.31 9.08 -16.09
CA ASP A 294 -18.39 10.39 -15.45
C ASP A 294 -19.64 11.14 -15.87
N GLY A 295 -20.81 10.51 -15.76
CA GLY A 295 -22.08 11.17 -16.07
C GLY A 295 -22.62 11.09 -17.51
N GLU A 296 -21.91 10.41 -18.39
CA GLU A 296 -22.26 10.40 -19.84
C GLU A 296 -22.51 8.96 -20.26
N PRO A 297 -23.67 8.69 -20.87
CA PRO A 297 -24.07 7.31 -21.07
C PRO A 297 -23.49 6.74 -22.36
N LEU A 298 -23.33 5.43 -22.39
CA LEU A 298 -22.89 4.77 -23.59
C LEU A 298 -23.42 3.37 -23.50
N SER A 299 -23.98 2.85 -24.61
CA SER A 299 -24.55 1.51 -24.57
C SER A 299 -24.02 0.63 -25.69
N GLY A 300 -23.86 -0.68 -25.41
CA GLY A 300 -23.59 -1.63 -26.45
C GLY A 300 -23.29 -2.98 -25.87
N GLN A 301 -22.93 -3.92 -26.73
CA GLN A 301 -22.67 -5.29 -26.24
C GLN A 301 -21.23 -5.56 -25.95
N ASN A 302 -20.37 -4.59 -26.22
CA ASN A 302 -18.90 -4.79 -26.21
C ASN A 302 -18.22 -3.55 -25.74
N PHE A 303 -17.37 -3.66 -24.76
CA PHE A 303 -16.58 -2.48 -24.30
C PHE A 303 -15.16 -2.87 -24.03
N HIS A 304 -14.21 -2.06 -24.51
CA HIS A 304 -12.77 -2.20 -24.20
C HIS A 304 -12.41 -0.92 -23.43
N ILE A 305 -12.04 -1.06 -22.16
CA ILE A 305 -11.71 0.12 -21.30
C ILE A 305 -10.26 0.01 -20.92
N GLU A 306 -9.52 1.09 -21.16
CA GLU A 306 -8.06 1.02 -21.04
C GLU A 306 -7.51 2.26 -20.43
N ILE A 307 -6.57 2.07 -19.52
CA ILE A 307 -5.90 3.20 -18.85
C ILE A 307 -5.06 3.99 -19.88
N LEU A 308 -5.08 5.33 -19.78
CA LEU A 308 -4.16 6.26 -20.46
C LEU A 308 -3.19 6.73 -19.40
N PRO A 309 -2.00 6.10 -19.35
CA PRO A 309 -1.10 6.29 -18.23
C PRO A 309 -0.50 7.69 -18.19
N ALA A 310 -0.52 8.29 -17.00
CA ALA A 310 0.04 9.61 -16.74
C ALA A 310 -0.29 10.62 -17.83
N ALA A 311 -1.55 10.64 -18.24
CA ALA A 311 -1.99 11.41 -19.41
C ALA A 311 -2.10 12.92 -19.19
N LEU A 312 -2.11 13.34 -17.93
CA LEU A 312 -2.53 14.68 -17.53
C LEU A 312 -1.89 15.03 -16.18
N ARG A 313 -1.37 16.25 -16.05
CA ARG A 313 -0.87 16.76 -14.76
C ARG A 313 -2.01 17.45 -14.04
N CYS A 314 -2.28 17.02 -12.81
CA CYS A 314 -3.34 17.62 -11.99
C CYS A 314 -2.75 18.18 -10.68
N ARG A 315 -3.21 19.38 -10.29
CA ARG A 315 -2.80 19.99 -9.05
C ARG A 315 -3.56 19.41 -7.86
N LEU A 316 -2.83 18.72 -7.00
CA LEU A 316 -3.39 17.87 -5.95
C LEU A 316 -2.72 18.13 -4.62
N PRO A 317 -3.45 17.93 -3.51
CA PRO A 317 -2.79 18.11 -2.23
C PRO A 317 -1.72 17.02 -1.94
N PRO A 318 -0.75 17.32 -1.05
CA PRO A 318 0.36 16.35 -0.89
C PRO A 318 -0.09 15.04 -0.26
N ASP A 319 -1.05 15.12 0.66
CA ASP A 319 -1.62 13.93 1.30
C ASP A 319 -2.53 13.08 0.39
N CYS A 320 -2.82 13.58 -0.82
CA CYS A 320 -3.82 12.95 -1.74
C CYS A 320 -4.01 11.45 -1.57
N PRO A 321 -5.18 11.02 -1.08
CA PRO A 321 -5.41 9.61 -0.76
C PRO A 321 -5.29 8.68 -1.98
N LEU A 322 -5.55 9.20 -3.17
CA LEU A 322 -5.56 8.38 -4.40
C LEU A 322 -4.22 8.36 -5.12
N LEU A 323 -3.19 9.01 -4.58
CA LEU A 323 -1.91 8.88 -5.22
C LEU A 323 -1.12 7.79 -4.51
N ARG A 324 -0.46 6.93 -5.27
CA ARG A 324 0.47 5.99 -4.67
C ARG A 324 1.59 6.58 -3.87
N SER A 325 1.91 5.87 -2.80
CA SER A 325 3.00 6.29 -1.93
C SER A 325 4.32 6.41 -2.68
N THR A 326 5.21 7.24 -2.14
CA THR A 326 6.51 7.58 -2.71
C THR A 326 7.59 7.62 -1.60
N PRO B 30 22.44 -14.56 37.91
CA PRO B 30 21.22 -15.09 37.27
C PRO B 30 21.54 -16.23 36.30
N ALA B 31 20.79 -17.33 36.41
CA ALA B 31 21.04 -18.51 35.61
C ALA B 31 20.66 -18.36 34.13
N SER B 32 21.26 -19.21 33.31
CA SER B 32 21.00 -19.14 31.87
C SER B 32 21.15 -20.49 31.22
N LEU B 33 20.54 -20.61 30.04
CA LEU B 33 20.74 -21.77 29.19
C LEU B 33 21.26 -21.29 27.83
N LEU B 34 22.37 -21.85 27.38
CA LEU B 34 22.93 -21.58 26.06
C LEU B 34 22.48 -22.60 25.03
N ILE B 35 21.76 -22.13 24.02
CA ILE B 35 21.34 -22.97 22.89
C ILE B 35 22.29 -22.72 21.72
N LEU B 36 23.10 -23.73 21.37
CA LEU B 36 24.17 -23.63 20.38
C LEU B 36 23.89 -24.26 19.00
N ASN B 37 24.16 -23.49 17.94
CA ASN B 37 24.00 -23.96 16.55
C ASN B 37 25.05 -25.01 16.17
N GLY B 38 24.86 -25.61 14.99
CA GLY B 38 25.75 -26.61 14.36
C GLY B 38 27.19 -26.72 14.80
N LYS B 39 28.11 -26.27 13.94
CA LYS B 39 29.55 -26.49 14.20
C LYS B 39 30.28 -25.29 14.81
N SER B 40 29.52 -24.21 15.04
CA SER B 40 29.97 -23.09 15.87
C SER B 40 29.98 -23.59 17.31
N THR B 41 30.57 -24.76 17.47
CA THR B 41 30.55 -25.56 18.68
C THR B 41 32.00 -25.84 19.04
N ASP B 42 32.80 -26.32 18.07
CA ASP B 42 34.26 -26.28 18.24
C ASP B 42 34.66 -24.81 18.20
N ASN B 43 34.71 -24.27 19.41
CA ASN B 43 34.86 -22.87 19.69
C ASN B 43 35.59 -22.88 21.02
N LEU B 44 36.91 -23.08 20.93
CA LEU B 44 37.77 -23.22 22.11
C LEU B 44 37.55 -22.10 23.13
N PRO B 45 37.66 -20.82 22.70
CA PRO B 45 37.37 -19.67 23.58
C PRO B 45 35.98 -19.68 24.24
N LEU B 46 34.96 -20.17 23.52
CA LEU B 46 33.59 -20.25 24.07
C LEU B 46 33.52 -21.24 25.22
N ARG B 47 34.13 -22.41 25.03
CA ARG B 47 34.26 -23.37 26.11
C ARG B 47 34.92 -22.70 27.33
N GLU B 48 36.10 -22.07 27.14
CA GLU B 48 36.86 -21.47 28.27
C GLU B 48 36.04 -20.37 28.96
N ALA B 49 35.34 -19.56 28.16
CA ALA B 49 34.55 -18.45 28.69
C ALA B 49 33.49 -19.01 29.62
N ILE B 50 32.87 -20.12 29.21
CA ILE B 50 31.79 -20.73 29.96
C ILE B 50 32.37 -21.39 31.21
N MET B 51 33.41 -22.22 31.02
CA MET B 51 34.16 -22.78 32.12
C MET B 51 34.53 -21.72 33.18
N LEU B 52 35.00 -20.56 32.71
CA LEU B 52 35.43 -19.48 33.61
C LEU B 52 34.25 -18.95 34.45
N LEU B 53 33.16 -18.61 33.76
CA LEU B 53 31.97 -18.03 34.39
C LEU B 53 31.30 -19.00 35.37
N ARG B 54 31.20 -20.27 34.99
CA ARG B 54 30.67 -21.31 35.87
C ARG B 54 31.35 -21.39 37.25
N GLU B 55 32.67 -21.28 37.26
CA GLU B 55 33.39 -21.42 38.51
C GLU B 55 33.32 -20.17 39.39
N GLU B 56 32.86 -19.05 38.81
CA GLU B 56 32.57 -17.84 39.58
C GLU B 56 31.32 -18.03 40.44
N GLY B 57 30.31 -18.65 39.85
CA GLY B 57 29.06 -19.01 40.53
C GLY B 57 27.92 -19.13 39.54
N MET B 58 28.19 -18.81 38.28
CA MET B 58 27.13 -18.76 37.29
C MET B 58 26.70 -20.14 36.83
N THR B 59 25.40 -20.34 36.71
CA THR B 59 24.88 -21.56 36.14
C THR B 59 24.68 -21.23 34.66
N ILE B 60 25.39 -21.97 33.81
CA ILE B 60 25.16 -21.92 32.36
C ILE B 60 24.97 -23.37 31.92
N HIS B 61 23.74 -23.73 31.62
CA HIS B 61 23.46 -24.97 30.95
C HIS B 61 23.78 -24.73 29.48
N VAL B 62 24.29 -25.75 28.81
CA VAL B 62 24.65 -25.68 27.39
C VAL B 62 23.97 -26.83 26.66
N ARG B 63 23.23 -26.50 25.60
CA ARG B 63 22.57 -27.49 24.71
C ARG B 63 22.89 -27.18 23.25
N VAL B 64 23.12 -28.21 22.44
CA VAL B 64 23.46 -28.00 21.01
C VAL B 64 22.37 -28.52 20.05
N THR B 65 22.02 -27.75 19.00
CA THR B 65 21.03 -28.19 18.00
C THR B 65 21.61 -28.96 16.81
N TRP B 66 20.75 -29.79 16.18
CA TRP B 66 21.05 -30.57 14.99
C TRP B 66 20.09 -30.23 13.84
N GLU B 67 18.88 -29.81 14.20
CA GLU B 67 17.81 -29.54 13.21
C GLU B 67 16.67 -28.75 13.84
N LYS B 68 15.79 -28.21 13.00
CA LYS B 68 14.65 -27.45 13.51
C LYS B 68 13.80 -28.25 14.50
N GLY B 69 13.34 -27.60 15.57
CA GLY B 69 12.55 -28.27 16.62
C GLY B 69 13.35 -28.46 17.91
N ASP B 70 14.67 -28.36 17.77
CA ASP B 70 15.60 -28.59 18.90
C ASP B 70 15.61 -27.38 19.83
N ALA B 71 15.69 -26.18 19.25
CA ALA B 71 15.72 -24.95 20.07
C ALA B 71 14.50 -24.91 20.99
N ALA B 72 13.32 -25.15 20.45
CA ALA B 72 12.07 -25.16 21.24
C ALA B 72 12.16 -26.09 22.43
N ARG B 73 12.59 -27.34 22.19
CA ARG B 73 12.77 -28.31 23.26
C ARG B 73 13.67 -27.79 24.37
N TYR B 74 14.81 -27.24 23.99
CA TYR B 74 15.79 -26.78 24.96
C TYR B 74 15.28 -25.50 25.66
N VAL B 75 14.58 -24.63 24.93
CA VAL B 75 13.93 -23.49 25.59
C VAL B 75 12.94 -23.99 26.67
N GLU B 76 12.13 -25.00 26.35
CA GLU B 76 11.16 -25.50 27.32
C GLU B 76 11.85 -26.09 28.56
N GLU B 77 13.02 -26.71 28.36
CA GLU B 77 13.80 -27.22 29.48
C GLU B 77 14.41 -26.05 30.26
N ALA B 78 14.74 -24.97 29.56
CA ALA B 78 15.21 -23.73 30.20
C ALA B 78 14.23 -23.25 31.25
N ARG B 79 12.94 -23.18 30.90
CA ARG B 79 11.89 -22.78 31.85
C ARG B 79 11.72 -23.74 33.03
N LYS B 80 11.93 -25.04 32.77
CA LYS B 80 11.90 -26.11 33.79
C LYS B 80 12.94 -25.86 34.88
N PHE B 81 14.10 -25.33 34.48
CA PHE B 81 15.16 -24.95 35.41
C PHE B 81 14.85 -23.69 36.22
N GLY B 82 14.15 -22.74 35.61
CA GLY B 82 13.86 -21.45 36.24
C GLY B 82 14.81 -20.35 35.78
N VAL B 83 15.35 -20.54 34.59
CA VAL B 83 16.48 -19.79 34.05
C VAL B 83 16.06 -18.33 33.72
N ALA B 84 16.94 -17.36 33.96
CA ALA B 84 16.63 -15.94 33.69
C ALA B 84 16.72 -15.55 32.20
N THR B 85 17.51 -16.31 31.45
CA THR B 85 17.90 -15.98 30.08
C THR B 85 18.13 -17.27 29.27
N VAL B 86 17.58 -17.35 28.05
CA VAL B 86 18.07 -18.34 27.06
C VAL B 86 18.93 -17.56 26.07
N ILE B 87 20.16 -18.01 25.89
CA ILE B 87 21.09 -17.36 24.98
C ILE B 87 21.06 -18.10 23.63
N ALA B 88 20.74 -17.40 22.53
CA ALA B 88 20.93 -17.98 21.20
C ALA B 88 22.40 -17.86 20.75
N GLY B 89 23.12 -18.98 20.79
CA GLY B 89 24.44 -19.01 20.22
C GLY B 89 24.38 -19.43 18.75
N GLY B 90 24.35 -18.46 17.85
CA GLY B 90 24.40 -18.77 16.40
C GLY B 90 23.88 -17.69 15.46
N GLY B 91 23.48 -18.09 14.26
CA GLY B 91 23.12 -17.15 13.22
C GLY B 91 21.70 -16.62 13.28
N ASP B 92 21.31 -15.86 12.26
CA ASP B 92 19.99 -15.24 12.25
C ASP B 92 18.85 -16.24 12.45
N GLY B 93 18.99 -17.41 11.80
CA GLY B 93 18.12 -18.56 12.00
C GLY B 93 18.06 -19.12 13.41
N THR B 94 19.22 -19.27 14.06
CA THR B 94 19.20 -19.73 15.43
C THR B 94 18.46 -18.71 16.30
N ILE B 95 18.80 -17.43 16.13
CA ILE B 95 18.17 -16.38 16.95
C ILE B 95 16.67 -16.47 16.79
N ASN B 96 16.26 -16.68 15.56
CA ASN B 96 14.87 -16.66 15.21
C ASN B 96 14.14 -17.89 15.77
N GLU B 97 14.80 -19.04 15.71
CA GLU B 97 14.30 -20.23 16.40
C GLU B 97 14.12 -20.02 17.90
N VAL B 98 15.13 -19.48 18.56
CA VAL B 98 15.04 -19.18 19.99
C VAL B 98 13.97 -18.17 20.33
N SER B 99 13.96 -17.06 19.59
CA SER B 99 12.96 -16.00 19.73
C SER B 99 11.57 -16.57 19.64
N THR B 100 11.33 -17.40 18.60
CA THR B 100 10.01 -17.91 18.32
C THR B 100 9.56 -18.80 19.45
N ALA B 101 10.53 -19.52 20.05
CA ALA B 101 10.21 -20.46 21.10
C ALA B 101 9.79 -19.65 22.32
N LEU B 102 10.55 -18.60 22.61
CA LEU B 102 10.25 -17.78 23.75
C LEU B 102 8.88 -17.15 23.71
N ILE B 103 8.55 -16.44 22.63
CA ILE B 103 7.24 -15.80 22.56
C ILE B 103 6.07 -16.78 22.64
N GLN B 104 6.36 -18.06 22.36
CA GLN B 104 5.34 -19.10 22.43
C GLN B 104 5.23 -19.77 23.80
N CYS B 105 6.13 -19.41 24.73
CA CYS B 105 6.02 -19.85 26.13
C CYS B 105 4.67 -19.39 26.71
N GLU B 106 3.87 -20.37 27.11
CA GLU B 106 2.59 -20.11 27.79
C GLU B 106 2.93 -19.98 29.27
N GLY B 107 2.97 -18.74 29.75
CA GLY B 107 3.34 -18.50 31.14
C GLY B 107 3.62 -17.05 31.48
N ASP B 108 4.29 -16.86 32.62
CA ASP B 108 4.51 -15.53 33.17
C ASP B 108 6.00 -15.23 33.40
N ASP B 109 6.70 -16.11 34.13
CA ASP B 109 8.15 -15.98 34.36
C ASP B 109 8.99 -16.43 33.14
N ILE B 110 9.00 -15.60 32.10
CA ILE B 110 9.64 -15.97 30.85
C ILE B 110 11.09 -15.45 30.77
N PRO B 111 12.04 -16.30 30.36
CA PRO B 111 13.43 -15.88 30.18
C PRO B 111 13.57 -14.77 29.14
N ALA B 112 14.57 -13.91 29.34
CA ALA B 112 14.95 -12.92 28.32
C ALA B 112 15.81 -13.63 27.26
N LEU B 113 15.83 -13.11 26.04
CA LEU B 113 16.78 -13.57 24.98
C LEU B 113 18.17 -12.98 25.21
N GLY B 114 19.22 -13.76 24.94
CA GLY B 114 20.61 -13.25 24.82
C GLY B 114 21.17 -13.75 23.49
N ILE B 115 22.23 -13.14 22.99
CA ILE B 115 22.69 -13.43 21.65
C ILE B 115 24.18 -13.52 21.64
N LEU B 116 24.68 -14.65 21.16
CA LEU B 116 26.09 -14.84 20.89
C LEU B 116 26.27 -14.89 19.37
N PRO B 117 27.03 -13.94 18.80
CA PRO B 117 27.16 -13.79 17.35
C PRO B 117 27.99 -14.91 16.72
N LEU B 118 27.46 -16.13 16.71
CA LEU B 118 28.22 -17.29 16.21
C LEU B 118 27.74 -17.93 14.88
N GLY B 119 27.21 -17.12 13.97
CA GLY B 119 26.83 -17.62 12.65
C GLY B 119 27.87 -17.21 11.62
N THR B 120 27.56 -17.29 10.33
CA THR B 120 28.33 -16.59 9.31
C THR B 120 28.02 -15.08 9.39
N ALA B 121 26.99 -14.63 8.66
CA ALA B 121 26.73 -13.19 8.52
C ALA B 121 26.50 -12.44 9.84
N ASN B 122 25.81 -13.08 10.79
CA ASN B 122 25.34 -12.41 12.04
C ASN B 122 24.72 -11.04 11.79
N ASP B 123 23.89 -10.95 10.74
CA ASP B 123 23.26 -9.67 10.37
C ASP B 123 22.54 -9.00 11.55
N PHE B 124 21.61 -9.70 12.17
CA PHE B 124 20.95 -9.14 13.34
C PHE B 124 21.94 -8.73 14.43
N ALA B 125 22.79 -9.66 14.88
CA ALA B 125 23.75 -9.36 15.94
C ALA B 125 24.62 -8.14 15.73
N THR B 126 25.23 -8.03 14.54
CA THR B 126 26.08 -6.90 14.18
C THR B 126 25.29 -5.60 14.34
N SER B 127 24.14 -5.56 13.64
CA SER B 127 23.24 -4.41 13.64
C SER B 127 22.84 -3.97 15.05
N VAL B 128 22.60 -4.91 15.98
CA VAL B 128 22.25 -4.52 17.37
C VAL B 128 23.46 -4.28 18.32
N GLY B 129 24.67 -4.36 17.78
CA GLY B 129 25.86 -4.03 18.57
C GLY B 129 26.24 -5.06 19.62
N ILE B 130 25.80 -6.31 19.41
CA ILE B 130 26.39 -7.43 20.17
C ILE B 130 27.93 -7.38 19.99
N PRO B 131 28.69 -7.36 21.10
CA PRO B 131 30.15 -7.34 21.10
C PRO B 131 30.78 -8.46 20.27
N GLU B 132 31.83 -8.13 19.50
CA GLU B 132 32.56 -9.15 18.77
C GLU B 132 33.47 -9.98 19.73
N ALA B 133 34.00 -9.32 20.78
CA ALA B 133 34.75 -10.01 21.86
C ALA B 133 33.78 -10.97 22.53
N LEU B 134 34.24 -12.21 22.71
CA LEU B 134 33.33 -13.34 22.99
C LEU B 134 32.98 -13.49 24.47
N ASP B 135 33.88 -13.04 25.33
CA ASP B 135 33.61 -13.01 26.77
C ASP B 135 32.71 -11.82 27.11
N LYS B 136 32.87 -10.70 26.40
CA LYS B 136 32.00 -9.55 26.60
C LYS B 136 30.57 -9.83 26.11
N ALA B 137 30.48 -10.43 24.93
CA ALA B 137 29.20 -10.95 24.39
C ALA B 137 28.46 -11.83 25.41
N LEU B 138 29.20 -12.74 26.06
CA LEU B 138 28.63 -13.70 27.00
C LEU B 138 28.14 -13.01 28.29
N LYS B 139 28.98 -12.11 28.81
CA LYS B 139 28.64 -11.19 29.90
C LYS B 139 27.32 -10.42 29.64
N LEU B 140 27.25 -9.75 28.49
CA LEU B 140 26.01 -9.08 28.05
C LEU B 140 24.82 -10.03 28.09
N ALA B 141 25.01 -11.19 27.48
CA ALA B 141 23.94 -12.16 27.32
C ALA B 141 23.46 -12.71 28.68
N ILE B 142 24.32 -12.66 29.69
CA ILE B 142 24.00 -13.27 30.98
C ILE B 142 23.43 -12.22 31.96
N ALA B 143 23.99 -11.02 31.97
CA ALA B 143 23.67 -10.04 33.01
C ALA B 143 23.40 -8.64 32.50
N GLY B 144 23.44 -8.46 31.18
CA GLY B 144 23.10 -7.18 30.57
C GLY B 144 21.66 -6.86 30.86
N ASP B 145 21.29 -5.58 30.86
CA ASP B 145 19.90 -5.20 31.05
C ASP B 145 19.02 -5.72 29.92
N ALA B 146 17.88 -6.31 30.29
CA ALA B 146 16.90 -6.77 29.32
C ALA B 146 15.96 -5.62 28.95
N ILE B 147 15.69 -5.50 27.65
CA ILE B 147 14.80 -4.47 27.12
C ILE B 147 13.78 -5.11 26.18
N ALA B 148 12.52 -4.69 26.29
CA ALA B 148 11.45 -5.25 25.50
C ALA B 148 11.67 -4.84 24.04
N ILE B 149 11.60 -5.82 23.13
CA ILE B 149 11.72 -5.52 21.69
C ILE B 149 10.56 -6.12 20.91
N ASP B 150 10.40 -5.65 19.67
CA ASP B 150 9.36 -6.21 18.82
C ASP B 150 9.83 -7.49 18.12
N MET B 151 8.86 -8.33 17.74
CA MET B 151 9.07 -9.37 16.77
C MET B 151 7.98 -9.11 15.71
N ALA B 152 8.13 -9.72 14.55
CA ALA B 152 7.14 -9.60 13.47
C ALA B 152 6.53 -10.94 13.20
N GLN B 153 5.28 -10.98 12.75
CA GLN B 153 4.63 -12.28 12.50
C GLN B 153 3.85 -12.26 11.18
N VAL B 154 3.90 -13.37 10.47
CA VAL B 154 3.33 -13.42 9.13
C VAL B 154 2.20 -14.40 9.08
N ASN B 155 1.04 -13.92 8.62
CA ASN B 155 -0.15 -14.78 8.46
C ASN B 155 -0.51 -15.51 9.78
N LYS B 156 -0.23 -14.80 10.88
CA LYS B 156 -0.48 -15.28 12.24
C LYS B 156 0.18 -16.62 12.51
N GLN B 157 1.30 -16.91 11.83
CA GLN B 157 2.04 -18.16 12.05
C GLN B 157 3.55 -17.90 12.27
N THR B 158 4.30 -17.90 11.17
CA THR B 158 5.75 -17.77 11.13
C THR B 158 6.19 -16.40 11.71
N CYS B 159 7.15 -16.37 12.64
CA CYS B 159 7.66 -15.00 13.01
C CYS B 159 9.07 -14.75 12.56
N PHE B 160 9.53 -13.51 12.67
CA PHE B 160 10.89 -13.21 12.37
C PHE B 160 11.28 -12.08 13.27
N ILE B 161 12.54 -12.02 13.63
CA ILE B 161 13.06 -10.97 14.45
C ILE B 161 13.82 -9.94 13.61
N ASN B 162 14.37 -10.34 12.47
CA ASN B 162 15.14 -9.38 11.69
C ASN B 162 14.39 -8.84 10.50
N MET B 163 14.38 -9.63 9.40
CA MET B 163 14.01 -9.06 8.11
C MET B 163 13.22 -10.03 7.27
N ALA B 164 12.22 -9.53 6.54
CA ALA B 164 11.55 -10.32 5.52
C ALA B 164 11.85 -9.74 4.14
N THR B 165 12.38 -10.56 3.24
CA THR B 165 12.72 -10.10 1.89
C THR B 165 11.88 -10.87 0.91
N GLY B 166 11.12 -10.15 0.07
CA GLY B 166 10.23 -10.83 -0.88
C GLY B 166 10.55 -10.45 -2.32
N GLY B 167 10.46 -11.41 -3.23
CA GLY B 167 10.52 -11.12 -4.66
C GLY B 167 9.85 -12.20 -5.48
N PHE B 168 10.05 -12.18 -6.80
CA PHE B 168 9.35 -13.07 -7.71
C PHE B 168 10.32 -13.93 -8.51
N GLY B 169 10.12 -15.23 -8.49
CA GLY B 169 10.93 -16.12 -9.31
C GLY B 169 11.14 -17.49 -8.73
N THR B 170 12.05 -18.24 -9.35
CA THR B 170 12.41 -19.59 -8.89
C THR B 170 13.00 -19.58 -7.47
N ARG B 171 12.76 -20.67 -6.75
CA ARG B 171 13.32 -20.85 -5.42
C ARG B 171 14.64 -21.61 -5.54
N ILE B 172 15.35 -21.77 -4.41
CA ILE B 172 16.60 -22.55 -4.38
C ILE B 172 16.34 -24.05 -4.26
N VAL B 187 25.74 -10.87 -10.50
CA VAL B 187 24.39 -10.52 -10.06
C VAL B 187 24.04 -11.25 -8.78
N SER B 188 24.74 -12.37 -8.54
CA SER B 188 24.47 -13.27 -7.41
C SER B 188 24.33 -12.60 -6.04
N TYR B 189 25.06 -11.49 -5.82
CA TYR B 189 25.12 -10.83 -4.51
C TYR B 189 23.79 -10.18 -4.06
N ILE B 190 22.82 -10.14 -4.97
CA ILE B 190 21.47 -9.64 -4.67
C ILE B 190 20.49 -10.80 -4.59
N ILE B 191 20.67 -11.78 -5.47
CA ILE B 191 19.70 -12.88 -5.63
C ILE B 191 19.90 -13.98 -4.59
N HIS B 192 20.96 -14.77 -4.75
CA HIS B 192 21.17 -15.99 -3.95
C HIS B 192 21.35 -15.72 -2.46
N GLY B 193 22.17 -14.72 -2.13
CA GLY B 193 22.38 -14.36 -0.74
C GLY B 193 21.12 -13.76 -0.15
N LEU B 194 20.81 -12.55 -0.59
CA LEU B 194 19.70 -11.77 -0.05
C LEU B 194 18.34 -12.45 -0.20
N MET B 195 18.10 -13.07 -1.35
CA MET B 195 16.77 -13.56 -1.73
C MET B 195 16.65 -15.07 -1.63
N ARG B 196 17.79 -15.75 -1.69
CA ARG B 196 17.87 -17.21 -1.76
C ARG B 196 17.22 -17.77 -3.03
N MET B 197 17.34 -17.03 -4.14
CA MET B 197 16.71 -17.40 -5.42
C MET B 197 17.70 -17.39 -6.59
N ASP B 198 17.20 -17.66 -7.80
CA ASP B 198 18.00 -17.57 -9.03
C ASP B 198 17.39 -16.60 -10.06
N THR B 199 16.05 -16.57 -10.13
CA THR B 199 15.34 -15.62 -11.01
C THR B 199 14.69 -14.50 -10.21
N LEU B 200 14.68 -13.30 -10.78
CA LEU B 200 14.13 -12.12 -10.17
C LEU B 200 13.63 -11.16 -11.26
N GLN B 201 12.38 -11.29 -11.65
CA GLN B 201 11.77 -10.34 -12.58
C GLN B 201 10.81 -9.41 -11.80
N PRO B 202 10.62 -8.18 -12.30
CA PRO B 202 9.61 -7.29 -11.72
C PRO B 202 8.19 -7.83 -11.99
N ASP B 203 7.38 -7.95 -10.93
CA ASP B 203 5.99 -8.42 -11.10
C ASP B 203 5.02 -7.61 -10.22
N ARG B 204 3.72 -7.76 -10.47
CA ARG B 204 2.74 -6.90 -9.86
C ARG B 204 2.36 -7.22 -8.42
N CYS B 205 2.17 -6.19 -7.62
CA CYS B 205 1.69 -6.38 -6.24
C CYS B 205 1.04 -5.12 -5.65
N GLU B 206 0.23 -5.31 -4.62
CA GLU B 206 -0.48 -4.26 -3.88
C GLU B 206 -0.13 -4.39 -2.44
N ILE B 207 0.23 -3.27 -1.84
CA ILE B 207 0.70 -3.22 -0.47
C ILE B 207 0.03 -2.11 0.24
N ARG B 208 -0.59 -2.41 1.38
CA ARG B 208 -1.13 -1.35 2.28
C ARG B 208 -0.62 -1.47 3.71
N GLY B 209 -0.62 -0.34 4.40
CA GLY B 209 -0.20 -0.25 5.79
C GLY B 209 -0.68 1.12 6.21
N GLU B 210 -0.41 1.46 7.46
CA GLU B 210 -0.77 2.75 7.96
C GLU B 210 -0.06 3.78 7.08
N ASN B 211 -0.86 4.73 6.55
CA ASN B 211 -0.38 5.87 5.79
C ASN B 211 0.32 5.44 4.53
N PHE B 212 -0.08 4.27 4.01
CA PHE B 212 0.63 3.63 2.93
C PHE B 212 -0.27 2.87 2.02
N HIS B 213 -0.14 3.14 0.73
CA HIS B 213 -0.89 2.35 -0.26
C HIS B 213 -0.16 2.45 -1.59
N TRP B 214 0.24 1.32 -2.14
CA TRP B 214 0.98 1.30 -3.39
C TRP B 214 0.55 0.10 -4.24
N GLN B 215 0.48 0.27 -5.56
CA GLN B 215 0.29 -0.86 -6.42
C GLN B 215 1.14 -0.64 -7.66
N GLY B 216 1.78 -1.69 -8.14
CA GLY B 216 2.59 -1.57 -9.34
C GLY B 216 3.56 -2.74 -9.39
N ASP B 217 4.58 -2.65 -10.23
CA ASP B 217 5.57 -3.71 -10.41
C ASP B 217 6.69 -3.48 -9.40
N ALA B 218 7.12 -4.54 -8.75
CA ALA B 218 8.17 -4.45 -7.77
C ALA B 218 9.14 -5.58 -8.00
N LEU B 219 10.38 -5.36 -7.61
CA LEU B 219 11.42 -6.35 -7.78
C LEU B 219 11.83 -6.94 -6.47
N VAL B 220 11.82 -6.12 -5.42
CA VAL B 220 12.23 -6.52 -4.08
C VAL B 220 11.37 -5.79 -3.01
N ILE B 221 10.78 -6.56 -2.10
CA ILE B 221 10.02 -6.00 -0.95
C ILE B 221 10.85 -6.28 0.31
N GLY B 222 11.35 -5.24 0.96
CA GLY B 222 11.97 -5.39 2.30
C GLY B 222 11.02 -4.93 3.40
N ILE B 223 10.67 -5.81 4.34
CA ILE B 223 9.84 -5.46 5.51
C ILE B 223 10.70 -5.74 6.73
N GLY B 224 11.14 -4.68 7.40
CA GLY B 224 12.13 -4.86 8.44
C GLY B 224 11.75 -4.59 9.89
N ASN B 225 12.12 -5.52 10.78
CA ASN B 225 12.15 -5.20 12.19
C ASN B 225 13.52 -4.66 12.42
N GLY B 226 14.49 -5.44 11.97
CA GLY B 226 15.89 -4.96 11.91
C GLY B 226 16.17 -4.24 10.60
N ARG B 227 17.44 -3.98 10.35
CA ARG B 227 17.89 -3.02 9.37
C ARG B 227 18.54 -3.65 8.14
N GLN B 228 19.27 -4.73 8.35
CA GLN B 228 20.07 -5.31 7.27
C GLN B 228 19.92 -6.83 7.25
N ALA B 229 20.05 -7.39 6.05
CA ALA B 229 20.09 -8.85 5.86
C ALA B 229 21.09 -9.20 4.77
N GLY B 230 21.12 -10.48 4.39
CA GLY B 230 21.87 -10.96 3.23
C GLY B 230 23.35 -10.61 3.22
N GLY B 231 23.94 -10.50 4.42
CA GLY B 231 25.35 -10.20 4.52
C GLY B 231 25.60 -8.72 4.35
N GLY B 232 24.98 -7.91 5.21
CA GLY B 232 25.28 -6.49 5.28
C GLY B 232 24.47 -5.58 4.38
N GLN B 233 23.52 -6.15 3.63
CA GLN B 233 22.68 -5.36 2.73
C GLN B 233 21.63 -4.59 3.54
N GLN B 234 21.79 -3.27 3.56
CA GLN B 234 20.92 -2.38 4.33
C GLN B 234 19.65 -2.14 3.58
N LEU B 235 18.73 -3.09 3.67
CA LEU B 235 17.41 -2.98 3.10
C LEU B 235 16.54 -1.92 3.75
N CYS B 236 16.72 -1.68 5.04
CA CYS B 236 15.83 -0.75 5.77
C CYS B 236 16.61 0.14 6.74
N PRO B 237 17.27 1.17 6.22
CA PRO B 237 18.26 1.84 7.06
C PRO B 237 17.68 2.44 8.34
N ASN B 238 16.38 2.72 8.30
CA ASN B 238 15.74 3.48 9.34
C ASN B 238 15.04 2.69 10.40
N ALA B 239 15.24 1.37 10.35
CA ALA B 239 14.63 0.47 11.29
C ALA B 239 15.02 0.70 12.74
N LEU B 240 14.04 0.58 13.63
CA LEU B 240 14.31 0.53 15.07
C LEU B 240 13.51 -0.66 15.52
N ILE B 241 14.09 -1.47 16.41
CA ILE B 241 13.48 -2.72 16.75
C ILE B 241 12.49 -2.62 17.94
N ASN B 242 12.26 -1.42 18.44
CA ASN B 242 11.38 -1.28 19.59
C ASN B 242 10.45 -0.08 19.48
N ASP B 243 9.98 0.25 18.26
CA ASP B 243 9.12 1.42 18.06
C ASP B 243 7.74 1.01 17.64
N GLY B 244 7.51 -0.30 17.62
CA GLY B 244 6.20 -0.80 17.27
C GLY B 244 5.83 -0.75 15.82
N LEU B 245 6.83 -0.49 14.97
CA LEU B 245 6.65 -0.25 13.54
C LEU B 245 7.61 -1.03 12.67
N LEU B 246 7.07 -1.69 11.67
CA LEU B 246 7.88 -2.26 10.60
C LEU B 246 8.26 -1.21 9.58
N GLN B 247 9.44 -1.41 9.00
CA GLN B 247 9.90 -0.57 7.89
C GLN B 247 9.51 -1.33 6.65
N LEU B 248 9.03 -0.56 5.68
CA LEU B 248 8.87 -1.07 4.31
C LEU B 248 9.76 -0.30 3.36
N ARG B 249 10.44 -1.04 2.51
CA ARG B 249 11.06 -0.48 1.30
C ARG B 249 10.74 -1.36 0.10
N ILE B 250 10.14 -0.75 -0.93
CA ILE B 250 9.89 -1.41 -2.21
C ILE B 250 10.91 -0.86 -3.21
N PHE B 251 11.56 -1.80 -3.91
CA PHE B 251 12.56 -1.55 -4.94
C PHE B 251 12.00 -1.98 -6.30
N THR B 252 11.82 -1.03 -7.21
CA THR B 252 11.35 -1.36 -8.54
C THR B 252 12.55 -1.79 -9.39
N PRO B 271 15.80 7.26 -5.70
CA PRO B 271 15.38 6.60 -6.94
C PRO B 271 13.88 6.28 -6.92
N ASN B 272 13.50 5.12 -7.47
CA ASN B 272 12.22 4.50 -7.24
C ASN B 272 12.40 3.47 -6.09
N ILE B 273 12.74 4.01 -4.93
CA ILE B 273 12.60 3.29 -3.70
C ILE B 273 11.42 3.90 -3.00
N ILE B 274 10.42 3.08 -2.78
CA ILE B 274 9.18 3.47 -2.12
C ILE B 274 9.23 3.07 -0.64
N GLU B 275 8.99 4.03 0.21
CA GLU B 275 9.15 3.84 1.61
C GLU B 275 7.88 3.95 2.42
N GLY B 276 7.81 3.15 3.46
CA GLY B 276 6.73 3.20 4.46
C GLY B 276 7.18 2.72 5.83
N ALA B 277 6.35 3.03 6.82
CA ALA B 277 6.43 2.52 8.20
C ALA B 277 5.06 2.24 8.80
N SER B 278 4.90 1.06 9.40
CA SER B 278 3.55 0.66 9.87
C SER B 278 3.64 -0.50 10.90
N SER B 279 2.67 -0.58 11.81
CA SER B 279 2.53 -1.80 12.67
C SER B 279 2.11 -3.02 11.84
N TRP B 280 1.57 -2.79 10.65
CA TRP B 280 1.13 -3.89 9.75
C TRP B 280 1.36 -3.55 8.26
N PHE B 281 1.58 -4.58 7.45
CA PHE B 281 1.53 -4.42 6.01
C PHE B 281 0.79 -5.59 5.46
N ASP B 282 -0.10 -5.32 4.52
CA ASP B 282 -0.76 -6.40 3.84
C ASP B 282 -0.22 -6.34 2.40
N ILE B 283 0.18 -7.50 1.89
CA ILE B 283 0.68 -7.61 0.50
C ILE B 283 -0.13 -8.61 -0.25
N GLN B 284 -0.58 -8.20 -1.43
CA GLN B 284 -1.35 -9.05 -2.30
C GLN B 284 -0.73 -9.03 -3.73
N ALA B 285 -0.70 -10.18 -4.37
CA ALA B 285 -0.17 -10.33 -5.75
C ALA B 285 -0.90 -11.40 -6.55
N PRO B 286 -1.10 -11.17 -7.86
CA PRO B 286 -1.68 -12.14 -8.77
C PRO B 286 -0.77 -13.35 -9.04
N HIS B 287 0.55 -13.23 -8.85
CA HIS B 287 1.42 -14.42 -8.89
C HIS B 287 2.25 -14.50 -7.63
N ASP B 288 2.70 -15.71 -7.29
CA ASP B 288 3.28 -15.97 -5.98
C ASP B 288 4.49 -15.09 -5.80
N ILE B 289 4.64 -14.54 -4.62
CA ILE B 289 5.86 -13.88 -4.22
C ILE B 289 6.49 -14.83 -3.23
N THR B 290 7.81 -14.85 -3.23
CA THR B 290 8.52 -15.68 -2.29
C THR B 290 9.22 -14.77 -1.31
N PHE B 291 8.84 -14.89 -0.03
CA PHE B 291 9.46 -14.18 1.07
C PHE B 291 10.50 -15.05 1.76
N ASN B 292 11.60 -14.43 2.16
CA ASN B 292 12.59 -15.08 2.98
C ASN B 292 12.45 -14.40 4.33
N LEU B 293 12.11 -15.18 5.35
CA LEU B 293 11.89 -14.67 6.71
C LEU B 293 13.02 -15.17 7.60
N ASP B 294 14.00 -14.30 7.83
CA ASP B 294 15.26 -14.69 8.49
C ASP B 294 15.82 -16.03 7.95
N GLY B 295 15.77 -16.20 6.64
CA GLY B 295 16.31 -17.39 6.00
C GLY B 295 15.33 -18.54 5.76
N GLU B 296 14.08 -18.38 6.23
CA GLU B 296 13.05 -19.43 6.14
C GLU B 296 12.00 -19.02 5.11
N PRO B 297 11.83 -19.81 4.05
CA PRO B 297 11.02 -19.27 2.97
C PRO B 297 9.53 -19.51 3.11
N LEU B 298 8.75 -18.61 2.52
CA LEU B 298 7.31 -18.73 2.54
C LEU B 298 6.84 -18.16 1.23
N SER B 299 5.98 -18.86 0.49
CA SER B 299 5.46 -18.40 -0.81
C SER B 299 3.94 -18.31 -0.77
N GLY B 300 3.40 -17.30 -1.45
CA GLY B 300 1.98 -17.22 -1.63
C GLY B 300 1.56 -15.92 -2.29
N GLN B 301 0.25 -15.76 -2.40
CA GLN B 301 -0.31 -14.54 -2.97
C GLN B 301 -0.89 -13.53 -2.01
N ASN B 302 -1.00 -13.90 -0.72
CA ASN B 302 -1.43 -12.92 0.33
C ASN B 302 -0.59 -13.05 1.57
N PHE B 303 -0.16 -11.93 2.09
CA PHE B 303 0.64 -11.90 3.30
C PHE B 303 0.16 -10.76 4.19
N HIS B 304 -0.10 -11.07 5.46
CA HIS B 304 -0.37 -10.05 6.46
C HIS B 304 0.81 -10.15 7.42
N ILE B 305 1.53 -9.05 7.56
CA ILE B 305 2.71 -9.02 8.41
C ILE B 305 2.47 -7.98 9.52
N GLU B 306 2.70 -8.35 10.76
CA GLU B 306 2.29 -7.47 11.83
C GLU B 306 3.31 -7.50 12.96
N ILE B 307 3.50 -6.36 13.57
CA ILE B 307 4.35 -6.28 14.75
C ILE B 307 3.64 -6.91 15.98
N LEU B 308 4.44 -7.69 16.72
CA LEU B 308 4.14 -8.20 18.06
C LEU B 308 4.89 -7.31 19.00
N PRO B 309 4.26 -6.26 19.54
CA PRO B 309 4.98 -5.25 20.31
C PRO B 309 5.49 -5.77 21.63
N ALA B 310 6.72 -5.43 21.98
CA ALA B 310 7.27 -5.76 23.27
C ALA B 310 7.06 -7.24 23.59
N ALA B 311 7.11 -8.09 22.56
CA ALA B 311 6.92 -9.55 22.66
C ALA B 311 7.97 -10.29 23.45
N LEU B 312 9.14 -9.69 23.52
CA LEU B 312 10.32 -10.41 23.95
C LEU B 312 11.22 -9.42 24.67
N ARG B 313 11.83 -9.83 25.76
CA ARG B 313 12.88 -9.00 26.36
C ARG B 313 14.22 -9.53 25.86
N CYS B 314 15.14 -8.64 25.47
CA CYS B 314 16.48 -9.03 24.95
C CYS B 314 17.63 -8.24 25.61
N ARG B 315 18.65 -8.95 26.06
CA ARG B 315 19.86 -8.33 26.61
C ARG B 315 20.72 -7.64 25.51
N LEU B 316 20.70 -6.31 25.56
CA LEU B 316 21.28 -5.46 24.53
C LEU B 316 22.07 -4.32 25.15
N PRO B 317 23.13 -3.83 24.45
CA PRO B 317 23.82 -2.64 24.92
C PRO B 317 22.86 -1.45 25.13
N PRO B 318 23.14 -0.60 26.14
CA PRO B 318 22.40 0.65 26.39
C PRO B 318 22.26 1.53 25.13
N ASP B 319 23.35 1.66 24.38
CA ASP B 319 23.34 2.50 23.18
C ASP B 319 23.17 1.71 21.89
N CYS B 320 22.55 0.54 21.98
CA CYS B 320 22.11 -0.22 20.80
C CYS B 320 21.44 0.68 19.75
N PRO B 321 22.09 0.84 18.56
CA PRO B 321 21.65 1.71 17.44
C PRO B 321 20.24 1.47 16.91
N LEU B 322 19.67 0.31 17.20
CA LEU B 322 18.33 -0.03 16.68
C LEU B 322 17.27 0.17 17.77
N LEU B 323 17.68 0.61 18.96
CA LEU B 323 16.68 0.95 19.96
C LEU B 323 16.40 2.42 19.78
N ARG B 324 15.14 2.82 19.89
CA ARG B 324 14.90 4.27 19.90
C ARG B 324 15.56 5.00 21.05
N SER B 325 15.92 6.25 20.80
CA SER B 325 16.57 7.08 21.80
C SER B 325 15.58 7.31 22.94
N THR B 326 16.10 7.68 24.10
CA THR B 326 15.32 7.76 25.34
C THR B 326 15.74 8.98 26.16
#